data_6C7Z
#
_entry.id   6C7Z
#
_cell.length_a   29.787
_cell.length_b   35.947
_cell.length_c   64.089
_cell.angle_alpha   90.51
_cell.angle_beta   92.45
_cell.angle_gamma   113.31
#
_symmetry.space_group_name_H-M   'P 1'
#
loop_
_entity.id
_entity.type
_entity.pdbx_description
1 polymer 'Retinol-binding protein 2'
2 non-polymer 'ACETATE ION'
3 non-polymer (2E,4E)-3-methyl-5-(2,3,6,7-tetrahydro-1H,5H-pyrido[3,2,1-ij]quinolin-9-yl)penta-2,4-dienal
4 water water
#
_entity_poly.entity_id   1
_entity_poly.type   'polypeptide(L)'
_entity_poly.pdbx_seq_one_letter_code
;TRDQNGTWEMESNENFEGYMKALDIDFATRKIAVRLTQTLVIDQDGDNFKVKTTSTFFNYDVDFTVGVEFDEYTKSLDNR
HVKALVTWEGDVLVCVQKGEKENRGWKKWIEGDKLYLELTCGDQVCRQVFKKK
;
_entity_poly.pdbx_strand_id   A,B
#
loop_
_chem_comp.id
_chem_comp.type
_chem_comp.name
_chem_comp.formula
ACT non-polymer 'ACETATE ION' 'C2 H3 O2 -1'
JLO non-polymer (2E,4E)-3-methyl-5-(2,3,6,7-tetrahydro-1H,5H-pyrido[3,2,1-ij]quinolin-9-yl)penta-2,4-dienal 'C18 H21 N O'
#
# COMPACT_ATOMS: atom_id res chain seq x y z
N THR A 1 -9.35 5.20 -23.15
CA THR A 1 -8.08 4.91 -23.81
C THR A 1 -7.69 3.44 -23.61
N ARG A 2 -7.02 2.90 -24.61
CA ARG A 2 -6.40 1.58 -24.51
C ARG A 2 -4.92 1.69 -24.14
N ASP A 3 -4.43 2.92 -24.01
CA ASP A 3 -3.03 3.14 -23.68
C ASP A 3 -2.77 3.00 -22.19
N GLN A 4 -2.12 1.89 -21.83
CA GLN A 4 -1.84 1.56 -20.45
C GLN A 4 -0.35 1.68 -20.11
N ASN A 5 0.41 2.23 -21.05
CA ASN A 5 1.82 2.53 -20.83
C ASN A 5 2.07 3.31 -19.57
N GLY A 6 3.19 3.03 -18.90
CA GLY A 6 3.59 3.82 -17.76
C GLY A 6 4.10 3.05 -16.55
N THR A 7 4.58 3.83 -15.58
CA THR A 7 4.99 3.30 -14.29
C THR A 7 3.89 3.67 -13.32
N TRP A 8 3.29 2.65 -12.70
CA TRP A 8 2.05 2.80 -11.96
C TRP A 8 2.29 2.39 -10.53
N GLU A 9 1.91 3.26 -9.60
CA GLU A 9 2.11 2.94 -8.19
C GLU A 9 0.82 2.64 -7.47
N MET A 10 0.83 1.56 -6.69
CA MET A 10 -0.38 1.09 -6.06
C MET A 10 -0.95 2.06 -5.03
N GLU A 11 -2.21 2.42 -5.25
CA GLU A 11 -2.96 3.30 -4.36
CA GLU A 11 -2.96 3.30 -4.34
C GLU A 11 -3.73 2.48 -3.34
N SER A 12 -4.41 1.45 -3.83
CA SER A 12 -5.24 0.65 -2.97
C SER A 12 -5.22 -0.79 -3.44
N ASN A 13 -5.55 -1.69 -2.52
CA ASN A 13 -5.50 -3.11 -2.76
C ASN A 13 -6.55 -3.72 -1.86
N GLU A 14 -7.64 -4.15 -2.47
CA GLU A 14 -8.78 -4.67 -1.76
C GLU A 14 -8.95 -6.16 -1.99
N ASN A 15 -9.01 -6.93 -0.91
CA ASN A 15 -9.21 -8.37 -0.95
C ASN A 15 -8.08 -9.11 -1.68
N PHE A 16 -6.86 -8.61 -1.59
CA PHE A 16 -5.74 -9.34 -2.16
C PHE A 16 -5.58 -10.67 -1.42
N GLU A 17 -5.91 -10.67 -0.14
CA GLU A 17 -5.84 -11.87 0.69
C GLU A 17 -6.75 -12.98 0.15
N GLY A 18 -7.98 -12.61 -0.18
CA GLY A 18 -8.97 -13.56 -0.65
C GLY A 18 -8.57 -14.14 -2.00
N TYR A 19 -8.08 -13.28 -2.89
CA TYR A 19 -7.60 -13.73 -4.18
C TYR A 19 -6.44 -14.72 -4.03
N MET A 20 -5.46 -14.39 -3.19
CA MET A 20 -4.29 -15.24 -3.01
C MET A 20 -4.66 -16.56 -2.35
N LYS A 21 -5.61 -16.50 -1.42
CA LYS A 21 -6.09 -17.70 -0.76
C LYS A 21 -6.80 -18.61 -1.76
N ALA A 22 -7.57 -18.02 -2.67
CA ALA A 22 -8.22 -18.80 -3.73
C ALA A 22 -7.21 -19.48 -4.67
N LEU A 23 -6.01 -18.92 -4.75
CA LEU A 23 -4.94 -19.50 -5.54
C LEU A 23 -4.10 -20.52 -4.77
N ASP A 24 -4.39 -20.67 -3.48
CA ASP A 24 -3.69 -21.58 -2.57
C ASP A 24 -2.26 -21.14 -2.26
N ILE A 25 -2.02 -19.83 -2.34
CA ILE A 25 -0.75 -19.29 -1.90
C ILE A 25 -0.61 -19.49 -0.39
N ASP A 26 0.57 -19.92 0.05
CA ASP A 26 0.78 -20.28 1.44
C ASP A 26 0.55 -19.09 2.38
N PHE A 27 0.10 -19.40 3.59
CA PHE A 27 -0.23 -18.39 4.60
C PHE A 27 0.89 -17.38 4.81
N ALA A 28 2.11 -17.89 4.94
CA ALA A 28 3.26 -17.04 5.25
C ALA A 28 3.50 -16.01 4.16
N THR A 29 3.42 -16.47 2.91
CA THR A 29 3.59 -15.59 1.76
C THR A 29 2.50 -14.55 1.68
N ARG A 30 1.26 -14.98 1.90
CA ARG A 30 0.12 -14.06 1.85
C ARG A 30 0.27 -12.95 2.87
N LYS A 31 0.75 -13.31 4.06
CA LYS A 31 0.81 -12.35 5.16
C LYS A 31 1.80 -11.23 4.84
N ILE A 32 2.90 -11.57 4.17
CA ILE A 32 3.86 -10.56 3.75
C ILE A 32 3.34 -9.75 2.56
N ALA A 33 2.85 -10.46 1.56
CA ALA A 33 2.46 -9.82 0.30
C ALA A 33 1.33 -8.81 0.45
N VAL A 34 0.39 -9.07 1.34
CA VAL A 34 -0.76 -8.17 1.51
C VAL A 34 -0.35 -6.78 1.99
N ARG A 35 0.80 -6.69 2.65
CA ARG A 35 1.22 -5.40 3.23
C ARG A 35 1.97 -4.51 2.23
N LEU A 36 2.38 -5.09 1.11
CA LEU A 36 3.38 -4.45 0.28
C LEU A 36 2.82 -3.53 -0.80
N THR A 37 3.43 -2.37 -0.94
CA THR A 37 3.14 -1.49 -2.05
C THR A 37 3.70 -2.07 -3.34
N GLN A 38 2.86 -2.15 -4.36
CA GLN A 38 3.28 -2.66 -5.66
C GLN A 38 3.50 -1.54 -6.66
N THR A 39 4.48 -1.75 -7.53
CA THR A 39 4.67 -0.88 -8.68
C THR A 39 4.55 -1.74 -9.93
N LEU A 40 3.80 -1.23 -10.89
CA LEU A 40 3.52 -1.94 -12.12
C LEU A 40 4.13 -1.11 -13.24
N VAL A 41 5.05 -1.70 -13.99
CA VAL A 41 5.65 -1.04 -15.14
C VAL A 41 5.13 -1.73 -16.39
N ILE A 42 4.40 -0.98 -17.22
CA ILE A 42 3.82 -1.50 -18.44
C ILE A 42 4.45 -0.85 -19.67
N ASP A 43 5.06 -1.69 -20.51
CA ASP A 43 5.58 -1.27 -21.81
C ASP A 43 4.65 -1.85 -22.87
N GLN A 44 3.89 -0.98 -23.54
CA GLN A 44 2.88 -1.41 -24.50
C GLN A 44 3.18 -0.81 -25.87
N ASP A 45 3.46 -1.69 -26.83
CA ASP A 45 3.67 -1.29 -28.22
C ASP A 45 2.76 -2.08 -29.13
N GLY A 46 1.71 -1.42 -29.61
CA GLY A 46 0.70 -2.09 -30.41
C GLY A 46 0.08 -3.19 -29.56
N ASP A 47 0.19 -4.42 -30.03
CA ASP A 47 -0.38 -5.56 -29.32
C ASP A 47 0.59 -6.18 -28.34
N ASN A 48 1.84 -5.69 -28.33
CA ASN A 48 2.86 -6.31 -27.50
C ASN A 48 2.99 -5.66 -26.14
N PHE A 49 2.79 -6.45 -25.09
CA PHE A 49 2.92 -5.96 -23.73
C PHE A 49 4.08 -6.63 -23.02
N LYS A 50 4.81 -5.82 -22.26
CA LYS A 50 5.80 -6.33 -21.34
C LYS A 50 5.45 -5.70 -19.99
N VAL A 51 5.09 -6.53 -19.03
CA VAL A 51 4.61 -6.06 -17.73
C VAL A 51 5.52 -6.54 -16.62
N LYS A 52 5.93 -5.60 -15.77
CA LYS A 52 6.75 -5.91 -14.62
C LYS A 52 6.05 -5.43 -13.35
N THR A 53 5.91 -6.33 -12.37
CA THR A 53 5.31 -5.99 -11.09
C THR A 53 6.37 -6.17 -10.03
N THR A 54 6.60 -5.13 -9.22
CA THR A 54 7.66 -5.14 -8.22
C THR A 54 7.15 -4.72 -6.86
N SER A 55 7.75 -5.30 -5.82
CA SER A 55 7.52 -4.92 -4.43
C SER A 55 8.82 -5.24 -3.70
N THR A 56 8.86 -4.94 -2.40
CA THR A 56 10.07 -5.16 -1.62
C THR A 56 10.53 -6.62 -1.66
N PHE A 57 9.58 -7.56 -1.66
CA PHE A 57 9.98 -8.95 -1.53
C PHE A 57 9.62 -9.88 -2.70
N PHE A 58 8.72 -9.46 -3.58
CA PHE A 58 8.24 -10.32 -4.64
C PHE A 58 8.19 -9.64 -5.99
N ASN A 59 8.49 -10.39 -7.06
CA ASN A 59 8.32 -9.90 -8.42
C ASN A 59 7.48 -10.86 -9.26
N TYR A 60 6.86 -10.30 -10.30
CA TYR A 60 6.14 -11.11 -11.27
C TYR A 60 6.19 -10.39 -12.60
N ASP A 61 6.82 -11.02 -13.58
CA ASP A 61 6.96 -10.42 -14.88
C ASP A 61 6.33 -11.30 -15.93
N VAL A 62 5.63 -10.68 -16.87
CA VAL A 62 4.96 -11.42 -17.92
C VAL A 62 4.93 -10.60 -19.19
N ASP A 63 5.21 -11.28 -20.30
CA ASP A 63 5.06 -10.69 -21.62
C ASP A 63 3.96 -11.41 -22.38
N PHE A 64 3.19 -10.64 -23.15
CA PHE A 64 2.17 -11.27 -23.97
C PHE A 64 1.80 -10.42 -25.16
N THR A 65 1.17 -11.06 -26.14
CA THR A 65 0.64 -10.38 -27.31
C THR A 65 -0.87 -10.51 -27.30
N VAL A 66 -1.53 -9.37 -27.37
CA VAL A 66 -2.98 -9.34 -27.39
C VAL A 66 -3.48 -10.19 -28.56
N GLY A 67 -4.40 -11.10 -28.25
CA GLY A 67 -5.06 -11.93 -29.22
C GLY A 67 -4.28 -13.16 -29.61
N VAL A 68 -3.19 -13.44 -28.88
CA VAL A 68 -2.39 -14.62 -29.15
C VAL A 68 -2.36 -15.48 -27.91
N GLU A 69 -2.94 -16.67 -27.98
CA GLU A 69 -2.94 -17.57 -26.84
C GLU A 69 -1.51 -17.95 -26.45
N PHE A 70 -1.25 -18.01 -25.14
CA PHE A 70 0.08 -18.35 -24.65
C PHE A 70 0.00 -19.22 -23.40
N ASP A 71 0.85 -20.25 -23.37
CA ASP A 71 0.97 -21.09 -22.20
C ASP A 71 1.71 -20.33 -21.11
N GLU A 72 1.24 -20.51 -19.89
CA GLU A 72 1.88 -19.91 -18.74
C GLU A 72 2.11 -20.94 -17.68
N TYR A 73 3.32 -20.91 -17.13
CA TYR A 73 3.62 -21.57 -15.88
C TYR A 73 3.69 -20.43 -14.88
N THR A 74 2.82 -20.45 -13.87
CA THR A 74 2.76 -19.34 -12.93
C THR A 74 3.77 -19.49 -11.82
N LYS A 75 5.04 -19.55 -12.24
CA LYS A 75 6.19 -19.55 -11.36
C LYS A 75 6.10 -18.38 -10.39
N SER A 76 6.56 -18.60 -9.18
CA SER A 76 6.55 -17.59 -8.11
C SER A 76 5.16 -17.28 -7.52
N LEU A 77 4.09 -17.68 -8.21
CA LEU A 77 2.75 -17.57 -7.64
C LEU A 77 2.28 -18.92 -7.11
N ASP A 78 1.39 -19.57 -7.86
CA ASP A 78 0.82 -20.85 -7.42
C ASP A 78 1.36 -22.04 -8.21
N ASN A 79 2.33 -21.79 -9.08
CA ASN A 79 3.01 -22.85 -9.81
C ASN A 79 2.08 -23.81 -10.56
N ARG A 80 1.16 -23.24 -11.34
CA ARG A 80 0.25 -24.03 -12.17
C ARG A 80 0.42 -23.72 -13.66
N HIS A 81 -0.01 -24.64 -14.50
CA HIS A 81 -0.09 -24.42 -15.93
C HIS A 81 -1.48 -23.92 -16.33
N VAL A 82 -1.51 -22.80 -17.03
CA VAL A 82 -2.75 -22.26 -17.55
C VAL A 82 -2.57 -21.88 -19.02
N LYS A 83 -3.68 -21.79 -19.72
CA LYS A 83 -3.68 -21.38 -21.10
C LYS A 83 -4.25 -19.98 -21.09
N ALA A 84 -3.41 -19.00 -21.41
CA ALA A 84 -3.78 -17.60 -21.22
C ALA A 84 -4.11 -16.91 -22.54
N LEU A 85 -5.08 -16.00 -22.47
CA LEU A 85 -5.47 -15.20 -23.61
C LEU A 85 -5.87 -13.82 -23.14
N VAL A 86 -5.27 -12.81 -23.75
CA VAL A 86 -5.55 -11.43 -23.39
C VAL A 86 -6.15 -10.74 -24.60
N THR A 87 -7.34 -10.19 -24.43
CA THR A 87 -8.02 -9.49 -25.52
C THR A 87 -8.67 -8.19 -25.02
N TRP A 88 -9.11 -7.36 -25.96
CA TRP A 88 -9.84 -6.15 -25.64
C TRP A 88 -11.35 -6.34 -25.69
N GLU A 89 -12.02 -5.85 -24.67
CA GLU A 89 -13.46 -5.63 -24.69
C GLU A 89 -13.66 -4.13 -24.52
N GLY A 90 -13.84 -3.43 -25.63
CA GLY A 90 -13.84 -1.99 -25.61
C GLY A 90 -12.47 -1.54 -25.14
N ASP A 91 -12.41 -0.75 -24.07
CA ASP A 91 -11.13 -0.28 -23.55
CA ASP A 91 -11.12 -0.29 -23.56
C ASP A 91 -10.70 -1.04 -22.30
N VAL A 92 -11.35 -2.18 -22.04
CA VAL A 92 -10.98 -3.06 -20.94
C VAL A 92 -10.13 -4.19 -21.51
N LEU A 93 -8.95 -4.37 -20.93
CA LEU A 93 -8.05 -5.44 -21.30
C LEU A 93 -8.40 -6.64 -20.43
N VAL A 94 -8.74 -7.75 -21.06
CA VAL A 94 -9.31 -8.89 -20.37
C VAL A 94 -8.42 -10.11 -20.55
N CYS A 95 -8.00 -10.71 -19.43
CA CYS A 95 -7.19 -11.90 -19.48
C CYS A 95 -7.98 -13.05 -18.90
N VAL A 96 -8.04 -14.16 -19.64
CA VAL A 96 -8.57 -15.39 -19.09
CA VAL A 96 -8.58 -15.39 -19.11
C VAL A 96 -7.45 -16.41 -19.02
N GLN A 97 -7.30 -17.01 -17.85
CA GLN A 97 -6.30 -18.05 -17.64
C GLN A 97 -7.05 -19.36 -17.43
N LYS A 98 -7.16 -20.13 -18.52
CA LYS A 98 -7.89 -21.39 -18.51
C LYS A 98 -7.09 -22.50 -17.84
N GLY A 99 -7.72 -23.20 -16.90
CA GLY A 99 -7.01 -24.24 -16.17
C GLY A 99 -7.79 -24.78 -15.01
N GLU A 100 -7.09 -25.18 -13.95
CA GLU A 100 -7.72 -25.79 -12.79
C GLU A 100 -8.68 -24.86 -12.07
N LYS A 101 -8.23 -23.64 -11.79
CA LYS A 101 -9.08 -22.67 -11.11
C LYS A 101 -10.13 -22.11 -12.05
N GLU A 102 -11.35 -21.96 -11.55
CA GLU A 102 -12.41 -21.36 -12.34
C GLU A 102 -12.36 -19.85 -12.19
N ASN A 103 -12.89 -19.15 -13.19
CA ASN A 103 -13.00 -17.70 -13.17
C ASN A 103 -11.64 -17.04 -12.90
N ARG A 104 -10.59 -17.64 -13.42
CA ARG A 104 -9.25 -17.12 -13.20
C ARG A 104 -8.82 -16.17 -14.31
N GLY A 105 -8.39 -14.99 -13.93
CA GLY A 105 -7.90 -14.03 -14.90
C GLY A 105 -7.89 -12.66 -14.27
N TRP A 106 -8.01 -11.67 -15.13
CA TRP A 106 -7.98 -10.27 -14.71
C TRP A 106 -8.55 -9.36 -15.78
N LYS A 107 -8.91 -8.17 -15.35
CA LYS A 107 -9.41 -7.11 -16.22
C LYS A 107 -8.67 -5.84 -15.81
N LYS A 108 -8.24 -5.07 -16.80
CA LYS A 108 -7.47 -3.88 -16.54
C LYS A 108 -7.94 -2.76 -17.43
N TRP A 109 -8.14 -1.58 -16.85
CA TRP A 109 -8.55 -0.44 -17.64
C TRP A 109 -8.07 0.87 -17.03
N ILE A 110 -7.99 1.91 -17.86
CA ILE A 110 -7.72 3.27 -17.41
C ILE A 110 -9.01 4.06 -17.17
N GLU A 111 -9.05 4.80 -16.08
CA GLU A 111 -10.10 5.78 -15.84
C GLU A 111 -9.47 7.02 -15.24
N GLY A 112 -9.57 8.14 -15.96
CA GLY A 112 -8.86 9.34 -15.55
C GLY A 112 -7.37 9.11 -15.61
N ASP A 113 -6.68 9.42 -14.52
CA ASP A 113 -5.24 9.24 -14.47
C ASP A 113 -4.90 8.04 -13.59
N LYS A 114 -5.76 7.03 -13.65
CA LYS A 114 -5.60 5.84 -12.82
C LYS A 114 -5.80 4.54 -13.59
N LEU A 115 -5.06 3.52 -13.15
CA LEU A 115 -5.17 2.19 -13.72
C LEU A 115 -5.89 1.32 -12.72
N TYR A 116 -6.88 0.60 -13.21
CA TYR A 116 -7.65 -0.30 -12.37
C TYR A 116 -7.35 -1.71 -12.78
N LEU A 117 -7.13 -2.57 -11.79
CA LEU A 117 -6.85 -3.98 -12.04
C LEU A 117 -7.74 -4.82 -11.15
N GLU A 118 -8.53 -5.69 -11.78
CA GLU A 118 -9.42 -6.57 -11.07
C GLU A 118 -8.94 -7.99 -11.29
N LEU A 119 -8.43 -8.62 -10.24
CA LEU A 119 -7.91 -9.98 -10.30
C LEU A 119 -8.99 -10.92 -9.80
N THR A 120 -9.24 -11.99 -10.53
CA THR A 120 -10.27 -12.95 -10.15
C THR A 120 -9.75 -14.38 -10.05
N CYS A 121 -10.27 -15.11 -9.07
CA CYS A 121 -10.03 -16.53 -8.98
C CYS A 121 -11.16 -17.15 -8.17
N GLY A 122 -11.82 -18.14 -8.76
CA GLY A 122 -12.94 -18.81 -8.12
C GLY A 122 -14.02 -17.81 -7.81
N ASP A 123 -14.41 -17.70 -6.54
CA ASP A 123 -15.43 -16.75 -6.11
C ASP A 123 -14.83 -15.47 -5.52
N GLN A 124 -13.53 -15.26 -5.71
CA GLN A 124 -12.86 -14.10 -5.12
C GLN A 124 -12.48 -13.06 -6.15
N VAL A 125 -12.68 -11.80 -5.78
CA VAL A 125 -12.32 -10.66 -6.61
C VAL A 125 -11.43 -9.72 -5.81
N CYS A 126 -10.25 -9.41 -6.35
CA CYS A 126 -9.34 -8.44 -5.77
C CYS A 126 -9.31 -7.18 -6.64
N ARG A 127 -9.52 -6.02 -6.04
CA ARG A 127 -9.55 -4.78 -6.79
C ARG A 127 -8.38 -3.90 -6.40
N GLN A 128 -7.57 -3.52 -7.39
CA GLN A 128 -6.43 -2.67 -7.20
C GLN A 128 -6.55 -1.40 -8.00
N VAL A 129 -6.08 -0.30 -7.45
CA VAL A 129 -5.99 0.95 -8.17
C VAL A 129 -4.57 1.45 -8.10
N PHE A 130 -4.08 1.92 -9.23
CA PHE A 130 -2.74 2.47 -9.34
C PHE A 130 -2.86 3.88 -9.87
N LYS A 131 -1.96 4.76 -9.47
CA LYS A 131 -1.87 6.07 -10.09
C LYS A 131 -0.53 6.20 -10.78
N LYS A 132 -0.47 6.99 -11.85
CA LYS A 132 0.75 7.10 -12.63
C LYS A 132 1.86 7.82 -11.88
N LYS A 133 3.09 7.33 -12.01
CA LYS A 133 4.23 8.00 -11.41
C LYS A 133 4.71 9.18 -12.28
N THR B 1 20.37 5.75 13.52
CA THR B 1 20.64 7.18 13.58
C THR B 1 19.41 7.90 14.11
N ARG B 2 19.61 9.06 14.71
CA ARG B 2 18.50 9.93 15.13
C ARG B 2 18.10 10.90 14.04
N ASP B 3 18.85 10.92 12.94
CA ASP B 3 18.55 11.83 11.85
C ASP B 3 17.47 11.22 10.97
N GLN B 4 16.26 11.75 11.10
CA GLN B 4 15.11 11.23 10.35
C GLN B 4 14.72 12.18 9.22
N ASN B 5 15.57 13.16 8.98
CA ASN B 5 15.37 14.08 7.86
C ASN B 5 15.18 13.35 6.55
N GLY B 6 14.26 13.87 5.74
CA GLY B 6 14.19 13.44 4.36
C GLY B 6 12.78 13.32 3.83
N THR B 7 12.68 12.81 2.60
CA THR B 7 11.40 12.50 1.99
C THR B 7 11.32 10.98 1.87
N TRP B 8 10.27 10.41 2.44
CA TRP B 8 10.14 8.98 2.67
C TRP B 8 8.89 8.45 1.99
N GLU B 9 9.06 7.38 1.21
CA GLU B 9 7.98 6.83 0.38
C GLU B 9 7.59 5.46 0.91
N MET B 10 6.30 5.30 1.18
CA MET B 10 5.83 4.06 1.76
C MET B 10 6.09 2.86 0.84
N GLU B 11 6.58 1.78 1.43
CA GLU B 11 6.74 0.53 0.70
C GLU B 11 5.93 -0.59 1.35
N SER B 12 5.47 -0.40 2.57
CA SER B 12 4.60 -1.37 3.19
CA SER B 12 4.69 -1.40 3.28
C SER B 12 3.73 -0.71 4.26
N ASN B 13 2.52 -1.25 4.39
CA ASN B 13 1.50 -0.73 5.30
C ASN B 13 0.73 -1.90 5.90
N GLU B 14 0.99 -2.19 7.16
CA GLU B 14 0.40 -3.35 7.83
C GLU B 14 -0.61 -2.96 8.90
N ASN B 15 -1.83 -3.46 8.75
CA ASN B 15 -2.88 -3.29 9.75
C ASN B 15 -3.22 -1.82 10.01
N PHE B 16 -3.17 -1.00 8.97
CA PHE B 16 -3.68 0.34 9.08
C PHE B 16 -5.17 0.32 9.38
N GLU B 17 -5.87 -0.65 8.78
CA GLU B 17 -7.29 -0.86 9.02
C GLU B 17 -7.62 -1.03 10.49
N GLY B 18 -6.91 -1.92 11.16
CA GLY B 18 -7.16 -2.23 12.55
C GLY B 18 -6.80 -1.09 13.49
N TYR B 19 -5.75 -0.36 13.13
CA TYR B 19 -5.40 0.84 13.87
C TYR B 19 -6.53 1.86 13.76
N MET B 20 -7.03 2.09 12.55
CA MET B 20 -8.13 3.04 12.35
C MET B 20 -9.41 2.60 13.06
N LYS B 21 -9.69 1.30 13.01
CA LYS B 21 -10.85 0.74 13.70
C LYS B 21 -10.75 0.96 15.21
N ALA B 22 -9.55 0.77 15.75
CA ALA B 22 -9.30 0.98 17.16
C ALA B 22 -9.50 2.45 17.57
N LEU B 23 -9.32 3.35 16.62
CA LEU B 23 -9.56 4.78 16.84
C LEU B 23 -11.03 5.14 16.61
N ASP B 24 -11.83 4.15 16.23
CA ASP B 24 -13.26 4.31 15.93
C ASP B 24 -13.57 5.15 14.69
N ILE B 25 -12.59 5.27 13.79
CA ILE B 25 -12.83 5.91 12.50
C ILE B 25 -13.91 5.13 11.74
N ASP B 26 -14.87 5.86 11.19
CA ASP B 26 -16.03 5.26 10.54
C ASP B 26 -15.64 4.39 9.36
N PHE B 27 -16.38 3.29 9.20
CA PHE B 27 -16.14 2.26 8.19
C PHE B 27 -15.89 2.83 6.78
N ALA B 28 -16.81 3.66 6.32
CA ALA B 28 -16.73 4.18 4.95
C ALA B 28 -15.45 5.00 4.76
N THR B 29 -15.03 5.72 5.80
CA THR B 29 -13.80 6.49 5.72
C THR B 29 -12.57 5.56 5.69
N ARG B 30 -12.60 4.51 6.50
CA ARG B 30 -11.51 3.53 6.50
C ARG B 30 -11.23 2.92 5.14
N LYS B 31 -12.30 2.60 4.40
CA LYS B 31 -12.17 1.95 3.10
C LYS B 31 -11.41 2.83 2.11
N ILE B 32 -11.66 4.13 2.16
CA ILE B 32 -10.98 5.07 1.28
C ILE B 32 -9.63 5.54 1.84
N ALA B 33 -9.54 5.65 3.16
CA ALA B 33 -8.35 6.19 3.81
C ALA B 33 -7.12 5.29 3.72
N VAL B 34 -7.32 4.00 3.58
CA VAL B 34 -6.19 3.09 3.42
C VAL B 34 -5.56 3.31 2.06
N ARG B 35 -4.28 3.67 2.04
CA ARG B 35 -3.55 3.80 0.79
C ARG B 35 -2.17 3.20 0.95
N LEU B 36 -1.65 2.65 -0.14
CA LEU B 36 -0.34 2.02 -0.13
C LEU B 36 0.71 2.97 -0.67
N THR B 37 0.27 4.11 -1.19
CA THR B 37 1.18 5.16 -1.59
C THR B 37 1.05 6.31 -0.62
N GLN B 38 2.16 6.68 -0.01
CA GLN B 38 2.14 7.69 1.01
C GLN B 38 3.52 8.27 1.09
N THR B 39 3.60 9.58 1.26
CA THR B 39 4.87 10.24 1.43
C THR B 39 4.91 10.88 2.82
N LEU B 40 6.06 10.75 3.46
CA LEU B 40 6.32 11.38 4.73
C LEU B 40 7.50 12.30 4.51
N VAL B 41 7.30 13.60 4.74
CA VAL B 41 8.39 14.57 4.67
C VAL B 41 8.73 15.04 6.06
N ILE B 42 9.99 14.86 6.44
CA ILE B 42 10.46 15.21 7.76
C ILE B 42 11.59 16.23 7.68
N ASP B 43 11.36 17.38 8.29
CA ASP B 43 12.33 18.45 8.44
C ASP B 43 12.73 18.45 9.91
N GLN B 44 13.97 18.06 10.19
CA GLN B 44 14.43 17.95 11.58
C GLN B 44 15.66 18.83 11.82
N ASP B 45 15.51 19.75 12.76
CA ASP B 45 16.57 20.65 13.14
C ASP B 45 16.69 20.66 14.65
N GLY B 46 17.70 19.98 15.16
CA GLY B 46 17.87 19.83 16.58
C GLY B 46 16.67 19.08 17.13
N ASP B 47 15.96 19.69 18.07
CA ASP B 47 14.82 19.02 18.64
CA ASP B 47 14.81 19.10 18.72
C ASP B 47 13.49 19.46 18.03
N ASN B 48 13.58 20.28 16.99
CA ASN B 48 12.40 20.75 16.28
C ASN B 48 12.10 19.91 15.05
N PHE B 49 10.86 19.43 14.97
CA PHE B 49 10.40 18.62 13.85
C PHE B 49 9.24 19.28 13.16
N LYS B 50 9.26 19.22 11.83
CA LYS B 50 8.10 19.57 11.02
C LYS B 50 7.84 18.35 10.17
N VAL B 51 6.66 17.76 10.27
CA VAL B 51 6.35 16.51 9.60
C VAL B 51 5.11 16.67 8.74
N LYS B 52 5.21 16.24 7.48
CA LYS B 52 4.07 16.26 6.58
C LYS B 52 3.80 14.85 6.05
N THR B 53 2.55 14.42 6.13
CA THR B 53 2.11 13.09 5.69
C THR B 53 1.07 13.29 4.60
N THR B 54 1.36 12.78 3.41
CA THR B 54 0.48 13.01 2.27
C THR B 54 0.14 11.72 1.54
N SER B 55 -1.11 11.63 1.12
CA SER B 55 -1.58 10.57 0.23
C SER B 55 -2.73 11.21 -0.50
N THR B 56 -3.40 10.46 -1.38
CA THR B 56 -4.50 11.08 -2.09
C THR B 56 -5.78 11.18 -1.24
N PHE B 57 -5.80 10.52 -0.08
CA PHE B 57 -6.93 10.70 0.83
C PHE B 57 -6.86 12.08 1.48
N PHE B 58 -6.38 12.11 2.72
CA PHE B 58 -6.16 13.35 3.43
C PHE B 58 -4.67 13.54 3.59
N ASN B 59 -4.29 14.71 4.10
CA ASN B 59 -2.95 14.94 4.56
C ASN B 59 -3.01 15.09 6.07
N TYR B 60 -1.85 14.98 6.72
CA TYR B 60 -1.77 15.20 8.16
C TYR B 60 -0.42 15.83 8.47
N ASP B 61 -0.45 17.05 8.98
CA ASP B 61 0.77 17.80 9.22
C ASP B 61 0.89 18.20 10.67
N VAL B 62 2.09 18.04 11.24
CA VAL B 62 2.27 18.30 12.66
C VAL B 62 3.67 18.82 12.91
N ASP B 63 3.78 19.83 13.76
CA ASP B 63 5.07 20.34 14.19
C ASP B 63 5.19 20.09 15.68
N PHE B 64 6.38 19.72 16.12
CA PHE B 64 6.61 19.53 17.55
C PHE B 64 8.06 19.70 17.93
N THR B 65 8.30 19.94 19.22
CA THR B 65 9.64 19.96 19.74
C THR B 65 9.80 18.77 20.66
N VAL B 66 10.86 18.02 20.45
CA VAL B 66 11.15 16.87 21.31
C VAL B 66 11.24 17.33 22.77
N GLY B 67 10.52 16.65 23.66
CA GLY B 67 10.55 16.93 25.08
C GLY B 67 9.62 18.06 25.54
N VAL B 68 8.80 18.59 24.62
CA VAL B 68 7.84 19.63 25.00
C VAL B 68 6.43 19.12 24.78
N GLU B 69 5.66 19.00 25.85
CA GLU B 69 4.30 18.51 25.75
C GLU B 69 3.47 19.48 24.89
N PHE B 70 2.57 18.94 24.09
CA PHE B 70 1.67 19.76 23.30
C PHE B 70 0.29 19.10 23.19
N ASP B 71 -0.74 19.92 23.30
CA ASP B 71 -2.12 19.42 23.15
CA ASP B 71 -2.09 19.41 23.17
C ASP B 71 -2.42 19.21 21.68
N GLU B 72 -3.19 18.16 21.39
CA GLU B 72 -3.60 17.90 20.03
C GLU B 72 -5.09 17.66 19.94
N TYR B 73 -5.64 18.09 18.81
CA TYR B 73 -6.98 17.75 18.41
C TYR B 73 -6.83 16.96 17.13
N THR B 74 -7.31 15.74 17.16
CA THR B 74 -7.17 14.86 16.03
C THR B 74 -8.44 14.96 15.19
N LYS B 75 -8.87 16.21 14.94
CA LYS B 75 -10.05 16.51 14.14
C LYS B 75 -9.97 15.84 12.77
N SER B 76 -8.75 15.64 12.30
CA SER B 76 -8.49 15.01 11.01
C SER B 76 -8.67 13.50 11.05
N LEU B 77 -8.79 12.95 12.25
CA LEU B 77 -8.77 11.51 12.41
C LEU B 77 -10.00 11.06 13.18
N ASP B 78 -9.88 10.99 14.50
CA ASP B 78 -10.99 10.55 15.35
C ASP B 78 -11.58 11.70 16.19
N ASN B 79 -11.22 12.93 15.84
CA ASN B 79 -11.52 14.14 16.63
C ASN B 79 -11.58 13.98 18.16
N ARG B 80 -10.43 13.70 18.74
CA ARG B 80 -10.28 13.62 20.18
C ARG B 80 -9.23 14.63 20.67
N HIS B 81 -9.28 14.95 21.95
CA HIS B 81 -8.25 15.76 22.58
C HIS B 81 -7.21 14.82 23.18
N VAL B 82 -5.95 14.99 22.80
CA VAL B 82 -4.88 14.27 23.48
C VAL B 82 -3.76 15.22 23.93
N LYS B 83 -2.99 14.76 24.92
CA LYS B 83 -1.78 15.46 25.35
C LYS B 83 -0.59 14.67 24.84
N ALA B 84 0.13 15.27 23.90
CA ALA B 84 1.16 14.55 23.16
C ALA B 84 2.55 14.91 23.67
N LEU B 85 3.45 13.92 23.65
CA LEU B 85 4.82 14.15 24.09
C LEU B 85 5.72 13.24 23.28
N VAL B 86 6.73 13.83 22.64
CA VAL B 86 7.64 13.08 21.78
C VAL B 86 9.02 13.16 22.40
N THR B 87 9.60 11.99 22.66
CA THR B 87 10.92 11.91 23.29
C THR B 87 11.76 10.82 22.61
N TRP B 88 13.05 10.78 22.93
CA TRP B 88 13.94 9.74 22.42
C TRP B 88 14.13 8.64 23.44
N GLU B 89 13.97 7.40 23.02
CA GLU B 89 14.49 6.26 23.74
C GLU B 89 15.61 5.71 22.87
N GLY B 90 16.86 6.01 23.23
CA GLY B 90 17.97 5.75 22.32
C GLY B 90 17.74 6.48 20.99
N ASP B 91 17.75 5.72 19.91
CA ASP B 91 17.49 6.31 18.60
C ASP B 91 16.07 6.04 18.11
N VAL B 92 15.19 5.56 19.01
CA VAL B 92 13.76 5.42 18.70
C VAL B 92 12.99 6.65 19.17
N LEU B 93 12.28 7.29 18.26
CA LEU B 93 11.53 8.48 18.59
C LEU B 93 10.16 7.99 19.01
N VAL B 94 9.74 8.37 20.22
CA VAL B 94 8.53 7.81 20.81
C VAL B 94 7.54 8.92 21.12
N CYS B 95 6.32 8.77 20.61
CA CYS B 95 5.25 9.70 20.91
C CYS B 95 4.21 8.98 21.75
N VAL B 96 3.85 9.59 22.86
CA VAL B 96 2.72 9.13 23.64
C VAL B 96 1.63 10.20 23.53
N GLN B 97 0.44 9.77 23.13
CA GLN B 97 -0.75 10.63 23.08
C GLN B 97 -1.71 10.25 24.20
N LYS B 98 -1.62 10.98 25.31
CA LYS B 98 -2.43 10.68 26.48
C LYS B 98 -3.86 11.18 26.32
N GLY B 99 -4.81 10.31 26.60
CA GLY B 99 -6.21 10.66 26.50
C GLY B 99 -7.07 9.43 26.71
N GLU B 100 -8.22 9.39 26.03
CA GLU B 100 -9.20 8.32 26.22
C GLU B 100 -8.67 6.95 25.87
N LYS B 101 -8.03 6.83 24.70
CA LYS B 101 -7.47 5.56 24.28
C LYS B 101 -6.18 5.25 25.02
N GLU B 102 -6.04 4.00 25.43
CA GLU B 102 -4.82 3.52 26.06
C GLU B 102 -3.84 3.10 24.97
N ASN B 103 -2.55 3.10 25.31
CA ASN B 103 -1.49 2.69 24.39
C ASN B 103 -1.53 3.44 23.05
N ARG B 104 -1.92 4.70 23.10
CA ARG B 104 -2.01 5.51 21.89
C ARG B 104 -0.77 6.35 21.68
N GLY B 105 -0.21 6.21 20.48
CA GLY B 105 0.96 6.98 20.13
C GLY B 105 1.61 6.35 18.93
N TRP B 106 2.93 6.54 18.83
CA TRP B 106 3.71 5.97 17.76
C TRP B 106 5.19 5.91 18.12
N LYS B 107 5.91 5.10 17.38
CA LYS B 107 7.35 5.00 17.51
C LYS B 107 7.93 5.02 16.12
N LYS B 108 9.05 5.71 15.96
CA LYS B 108 9.63 5.87 14.64
C LYS B 108 11.13 5.72 14.73
N TRP B 109 11.72 4.96 13.82
CA TRP B 109 13.16 4.78 13.86
C TRP B 109 13.72 4.48 12.48
N ILE B 110 15.02 4.69 12.33
CA ILE B 110 15.72 4.42 11.07
C ILE B 110 16.54 3.15 11.19
N GLU B 111 16.44 2.27 10.19
CA GLU B 111 17.39 1.18 10.03
C GLU B 111 17.90 1.21 8.60
N GLY B 112 19.15 1.63 8.43
CA GLY B 112 19.75 1.71 7.12
C GLY B 112 19.10 2.80 6.28
N ASP B 113 18.59 2.41 5.12
CA ASP B 113 17.98 3.37 4.21
C ASP B 113 16.46 3.41 4.38
N LYS B 114 15.98 2.83 5.48
CA LYS B 114 14.54 2.75 5.70
C LYS B 114 14.07 3.37 7.01
N LEU B 115 12.87 3.93 6.96
CA LEU B 115 12.21 4.49 8.13
C LEU B 115 11.03 3.60 8.52
N TYR B 116 10.91 3.32 9.80
CA TYR B 116 9.88 2.46 10.33
C TYR B 116 8.99 3.27 11.24
N LEU B 117 7.70 3.13 11.07
CA LEU B 117 6.73 3.85 11.88
C LEU B 117 5.73 2.84 12.43
N GLU B 118 5.63 2.76 13.75
CA GLU B 118 4.64 1.92 14.38
C GLU B 118 3.60 2.81 15.03
N LEU B 119 2.36 2.71 14.57
CA LEU B 119 1.23 3.44 15.15
C LEU B 119 0.45 2.50 16.05
N THR B 120 0.18 2.94 17.28
CA THR B 120 -0.51 2.09 18.24
C THR B 120 -1.76 2.76 18.77
N CYS B 121 -2.80 1.94 18.98
CA CYS B 121 -3.99 2.35 19.69
C CYS B 121 -4.64 1.13 20.32
N GLY B 122 -4.84 1.16 21.63
CA GLY B 122 -5.43 0.02 22.32
C GLY B 122 -4.57 -1.21 22.15
N ASP B 123 -5.15 -2.28 21.60
CA ASP B 123 -4.41 -3.52 21.33
C ASP B 123 -3.93 -3.63 19.89
N GLN B 124 -4.14 -2.58 19.10
CA GLN B 124 -3.79 -2.61 17.69
C GLN B 124 -2.45 -1.94 17.38
N VAL B 125 -1.72 -2.53 16.46
CA VAL B 125 -0.44 -1.99 16.02
C VAL B 125 -0.41 -1.95 14.50
N CYS B 126 -0.14 -0.77 13.96
CA CYS B 126 0.06 -0.62 12.52
C CYS B 126 1.53 -0.38 12.26
N ARG B 127 2.08 -1.10 11.31
CA ARG B 127 3.50 -0.96 10.99
C ARG B 127 3.66 -0.48 9.55
N GLN B 128 4.32 0.65 9.38
CA GLN B 128 4.58 1.20 8.05
C GLN B 128 6.09 1.28 7.83
N VAL B 129 6.53 0.97 6.62
CA VAL B 129 7.93 1.06 6.27
C VAL B 129 8.06 1.95 5.06
N PHE B 130 9.05 2.85 5.09
CA PHE B 130 9.28 3.83 4.03
C PHE B 130 10.72 3.74 3.55
N LYS B 131 10.90 3.94 2.25
CA LYS B 131 12.23 4.04 1.68
C LYS B 131 12.58 5.50 1.45
N LYS B 132 13.84 5.85 1.68
CA LYS B 132 14.27 7.22 1.49
C LYS B 132 14.29 7.55 0.00
N LYS B 133 13.62 8.63 -0.38
CA LYS B 133 13.49 9.02 -1.77
C LYS B 133 14.63 9.95 -2.20
C ACT C . -0.69 -12.95 -16.60
O ACT C . 0.06 -13.82 -16.10
OXT ACT C . -1.12 -12.08 -15.81
CH3 ACT C . -1.06 -12.97 -18.05
C2 JLO D . -0.09 -7.97 -10.04
C3 JLO D . 0.45 -9.04 -9.37
C4 JLO D . 0.93 -10.15 -10.02
C5 JLO D . 0.84 -10.18 -11.40
C6 JLO D . 0.29 -9.10 -12.08
C1 JLO D . -0.18 -7.98 -11.41
C17 JLO D . 1.51 -11.29 -9.19
C16 JLO D . 2.01 -10.87 -7.79
C15 JLO D . 1.76 -9.43 -7.34
N1 JLO D . 0.53 -9.02 -8.00
C12 JLO D . -0.60 -6.82 -9.23
C13 JLO D . -1.35 -7.49 -8.08
C14 JLO D . -0.64 -8.57 -7.27
C7 JLO D . 0.17 -9.04 -13.54
C8 JLO D . -0.48 -7.97 -13.97
C9 JLO D . -0.70 -7.68 -15.39
C10 JLO D . -1.28 -6.51 -15.68
C11 JLO D . -1.50 -6.12 -17.05
C18 JLO D . -0.27 -8.63 -16.47
C ACT E . 1.12 13.29 16.19
O ACT E . 1.40 12.30 15.49
OXT ACT E . -0.02 13.79 16.02
CH3 ACT E . 2.08 13.84 17.21
C2 JLO F . -1.06 10.31 10.61
C3 JLO F . -0.72 9.28 9.75
C4 JLO F . 0.60 8.87 9.63
C5 JLO F . 1.58 9.51 10.36
C6 JLO F . 1.26 10.55 11.21
C1 JLO F . -0.07 10.95 11.34
C17 JLO F . 0.98 7.74 8.70
C16 JLO F . -0.18 7.39 7.79
C15 JLO F . -1.48 7.28 8.56
N1 JLO F . -1.71 8.64 9.03
C12 JLO F . -2.50 10.76 10.75
C13 JLO F . -3.46 9.77 10.09
C14 JLO F . -2.95 9.34 8.72
C7 JLO F . 2.33 11.22 11.97
C8 JLO F . 3.55 10.77 11.76
C9 JLO F . 4.72 11.37 12.42
C10 JLO F . 5.91 10.80 12.24
C11 JLO F . 7.10 11.37 12.81
C18 JLO F . 4.57 12.64 13.21
#